data_3LRF
#
_entry.id   3LRF
#
_cell.length_a   77.480
_cell.length_b   83.270
_cell.length_c   72.870
_cell.angle_alpha   90.00
_cell.angle_beta   120.97
_cell.angle_gamma   90.00
#
_symmetry.space_group_name_H-M   'C 1 2 1'
#
loop_
_entity.id
_entity.type
_entity.pdbx_description
1 polymer 'Beta-ketoacyl synthase'
2 non-polymer 'SODIUM ION'
3 water water
#
_entity_poly.entity_id   1
_entity_poly.type   'polypeptide(L)'
_entity_poly.pdbx_seq_one_letter_code
;MAHHHHHHMGTLEAQTQGPGSMRRVVVTGMGIVSSIGSNTEEVTASLREAKSGISRAEEYAELGFRCQVHGAPDIDIESL
VDRRAMRFHGRGTAWNHIAMDQAIADAGLTEEEVSNERTGIIMGSGGPSTRTIVDSADITREKGPKRVGPFAVPKAMSST
ASATLATFFKIKGINYSISSACATSNHCIGNAYEMIQYGKQDRMFAGGCEDLDWTLSVLFDAMGAMSSKYNDTPSTASRA
YDKNRDGFVIAGGAGVLVLEDLETALARGAKIYGEIVGYGATSDGYDMVAPSGEGAIRCMKMALSTVTSKIDYINPHATS
TPAGDAPEIEAIRQIFGAGDVCPPIAATKSLTGHSLGATGVQEAIYSLLMMQNNFICESAHIEELDPAFADMPIVRKRID
NVQLNTVLSNSFGFGGTNATLVFQRYQG
;
_entity_poly.pdbx_strand_id   A
#
loop_
_chem_comp.id
_chem_comp.type
_chem_comp.name
_chem_comp.formula
NA non-polymer 'SODIUM ION' 'Na 1'
#
# COMPACT_ATOMS: atom_id res chain seq x y z
N MET A 22 -10.63 -24.90 -2.93
CA MET A 22 -10.63 -23.41 -2.89
C MET A 22 -10.51 -22.83 -4.28
N ARG A 23 -11.24 -21.74 -4.51
CA ARG A 23 -11.27 -21.11 -5.79
C ARG A 23 -10.05 -20.28 -6.03
N ARG A 24 -9.75 -20.07 -7.30
CA ARG A 24 -8.65 -19.21 -7.69
C ARG A 24 -9.18 -17.81 -7.76
N VAL A 25 -8.30 -16.86 -7.56
CA VAL A 25 -8.67 -15.48 -7.38
C VAL A 25 -7.72 -14.62 -8.18
N VAL A 26 -8.30 -13.76 -9.00
CA VAL A 26 -7.53 -12.92 -9.88
C VAL A 26 -7.84 -11.46 -9.67
N VAL A 27 -6.86 -10.64 -10.01
CA VAL A 27 -6.96 -9.21 -9.98
C VAL A 27 -7.43 -8.74 -11.35
N THR A 28 -8.57 -8.06 -11.40
CA THR A 28 -9.19 -7.69 -12.66
C THR A 28 -9.25 -6.20 -12.91
N GLY A 29 -8.80 -5.41 -11.94
CA GLY A 29 -8.77 -3.97 -12.09
C GLY A 29 -7.99 -3.37 -10.99
N MET A 30 -7.40 -2.21 -11.23
CA MET A 30 -6.59 -1.55 -10.25
C MET A 30 -6.88 -0.07 -10.33
N GLY A 31 -6.75 0.60 -9.20
CA GLY A 31 -6.82 2.04 -9.13
C GLY A 31 -5.87 2.52 -8.08
N ILE A 32 -5.32 3.70 -8.29
CA ILE A 32 -4.30 4.16 -7.38
C ILE A 32 -4.18 5.67 -7.37
N VAL A 33 -3.99 6.19 -6.17
CA VAL A 33 -3.63 7.57 -5.95
C VAL A 33 -2.36 7.53 -5.13
N SER A 34 -1.24 7.98 -5.71
CA SER A 34 0.04 7.81 -5.08
C SER A 34 0.87 9.04 -5.15
N SER A 35 1.86 9.10 -4.27
CA SER A 35 2.86 10.14 -4.37
C SER A 35 3.62 10.08 -5.67
N ILE A 36 3.59 8.94 -6.36
CA ILE A 36 4.28 8.80 -7.63
C ILE A 36 3.34 8.71 -8.79
N GLY A 37 2.07 9.04 -8.57
CA GLY A 37 1.19 9.22 -9.71
C GLY A 37 -0.24 9.10 -9.34
N SER A 38 -1.09 9.75 -10.13
CA SER A 38 -2.54 9.77 -9.86
C SER A 38 -3.34 8.74 -10.59
N ASN A 39 -2.65 7.83 -11.27
CA ASN A 39 -3.27 6.72 -11.95
C ASN A 39 -2.15 5.74 -12.29
N THR A 40 -2.51 4.58 -12.81
CA THR A 40 -1.51 3.57 -13.07
C THR A 40 -0.51 3.99 -14.12
N GLU A 41 -0.91 4.80 -15.08
CA GLU A 41 0.03 5.22 -16.11
CA GLU A 41 0.03 5.22 -16.12
C GLU A 41 1.10 6.10 -15.49
N GLU A 42 0.67 7.05 -14.66
CA GLU A 42 1.64 7.96 -14.02
C GLU A 42 2.55 7.18 -13.14
N VAL A 43 1.97 6.24 -12.40
CA VAL A 43 2.75 5.42 -11.51
C VAL A 43 3.78 4.61 -12.24
N THR A 44 3.39 4.04 -13.35
CA THR A 44 4.29 3.21 -14.15
C THR A 44 5.45 4.04 -14.64
N ALA A 45 5.17 5.23 -15.12
CA ALA A 45 6.21 6.12 -15.59
C ALA A 45 7.18 6.45 -14.45
N SER A 46 6.65 6.72 -13.27
CA SER A 46 7.51 7.01 -12.12
C SER A 46 8.40 5.84 -11.75
N LEU A 47 7.83 4.64 -11.77
CA LEU A 47 8.59 3.44 -11.46
C LEU A 47 9.68 3.24 -12.48
N ARG A 48 9.35 3.44 -13.74
CA ARG A 48 10.29 3.19 -14.81
C ARG A 48 11.44 4.15 -14.75
N GLU A 49 11.16 5.39 -14.42
CA GLU A 49 12.14 6.44 -14.45
C GLU A 49 12.73 6.76 -13.06
N ALA A 50 12.35 5.97 -12.05
CA ALA A 50 12.79 6.21 -10.70
C ALA A 50 12.56 7.67 -10.30
N LYS A 51 11.36 8.15 -10.59
CA LYS A 51 10.98 9.51 -10.25
CA LYS A 51 10.96 9.51 -10.26
C LYS A 51 10.42 9.52 -8.84
N SER A 52 11.15 10.15 -7.95
CA SER A 52 10.73 10.24 -6.58
C SER A 52 9.47 11.05 -6.42
N GLY A 53 8.61 10.57 -5.51
CA GLY A 53 7.41 11.30 -5.14
C GLY A 53 7.55 12.10 -3.86
N ILE A 54 8.77 12.22 -3.35
CA ILE A 54 9.02 12.85 -2.07
C ILE A 54 9.42 14.32 -2.25
N SER A 55 8.82 15.17 -1.44
CA SER A 55 9.05 16.59 -1.52
C SER A 55 9.14 17.17 -0.12
N ARG A 56 9.56 18.43 -0.05
CA ARG A 56 9.61 19.12 1.21
C ARG A 56 8.20 19.34 1.73
N ALA A 57 8.03 19.11 3.02
CA ALA A 57 6.79 19.42 3.74
C ALA A 57 7.01 20.69 4.52
N GLU A 58 6.69 21.83 3.89
CA GLU A 58 6.93 23.12 4.55
C GLU A 58 6.17 23.22 5.87
N GLU A 59 4.98 22.65 5.91
CA GLU A 59 4.17 22.70 7.12
C GLU A 59 4.86 22.02 8.28
N TYR A 60 5.55 20.91 7.99
CA TYR A 60 6.24 20.18 9.06
C TYR A 60 7.36 21.06 9.61
N ALA A 61 8.05 21.77 8.73
CA ALA A 61 9.08 22.68 9.20
C ALA A 61 8.45 23.79 10.06
N GLU A 62 7.31 24.33 9.62
CA GLU A 62 6.60 25.37 10.35
C GLU A 62 6.24 24.91 11.74
N LEU A 63 5.85 23.64 11.83
CA LEU A 63 5.42 23.08 13.11
C LEU A 63 6.55 22.63 13.98
N GLY A 64 7.78 22.68 13.46
CA GLY A 64 8.94 22.31 14.23
C GLY A 64 9.31 20.85 14.20
N PHE A 65 8.83 20.11 13.20
CA PHE A 65 9.18 18.71 13.07
C PHE A 65 10.66 18.59 12.79
N ARG A 66 11.22 17.44 13.13
CA ARG A 66 12.54 17.06 12.67
C ARG A 66 12.46 16.71 11.19
N CYS A 67 11.53 15.85 10.86
CA CYS A 67 11.34 15.40 9.48
C CYS A 67 10.57 16.45 8.72
N GLN A 68 11.07 16.89 7.58
CA GLN A 68 10.36 17.90 6.81
C GLN A 68 10.19 17.45 5.37
N VAL A 69 9.85 16.18 5.19
CA VAL A 69 9.62 15.63 3.88
C VAL A 69 8.39 14.76 3.94
N HIS A 70 7.73 14.62 2.81
CA HIS A 70 6.58 13.76 2.71
C HIS A 70 6.35 13.35 1.28
N GLY A 71 5.51 12.35 1.10
CA GLY A 71 5.10 11.88 -0.23
C GLY A 71 3.65 12.25 -0.43
N ALA A 72 3.41 13.37 -1.11
CA ALA A 72 2.06 13.90 -1.25
C ALA A 72 1.51 13.62 -2.63
N PRO A 73 0.35 13.01 -2.70
CA PRO A 73 -0.37 12.93 -3.97
C PRO A 73 -0.60 14.34 -4.51
N ASP A 74 -0.75 14.42 -5.82
CA ASP A 74 -1.06 15.68 -6.49
C ASP A 74 -2.23 15.35 -7.36
N ILE A 75 -3.42 15.55 -6.83
CA ILE A 75 -4.62 15.18 -7.55
C ILE A 75 -5.74 16.08 -7.09
N ASP A 76 -6.58 16.46 -8.04
CA ASP A 76 -7.67 17.41 -7.78
C ASP A 76 -8.92 16.63 -7.40
N ILE A 77 -9.10 16.44 -6.10
CA ILE A 77 -10.22 15.68 -5.58
C ILE A 77 -11.55 16.23 -6.04
N GLU A 78 -11.73 17.54 -5.96
CA GLU A 78 -13.03 18.13 -6.25
C GLU A 78 -13.44 17.91 -7.70
N SER A 79 -12.47 17.71 -8.57
CA SER A 79 -12.74 17.46 -9.97
C SER A 79 -13.15 16.02 -10.24
N LEU A 80 -12.96 15.15 -9.26
CA LEU A 80 -13.14 13.71 -9.42
C LEU A 80 -14.19 13.10 -8.50
N VAL A 81 -14.53 13.78 -7.41
CA VAL A 81 -15.50 13.29 -6.47
C VAL A 81 -16.42 14.47 -6.17
N ASP A 82 -17.69 14.32 -6.41
CA ASP A 82 -18.56 15.48 -6.35
C ASP A 82 -18.91 15.80 -4.90
N ARG A 83 -19.50 16.96 -4.72
CA ARG A 83 -19.65 17.52 -3.39
C ARG A 83 -20.46 16.62 -2.47
N ARG A 84 -21.56 16.05 -2.97
CA ARG A 84 -22.39 15.23 -2.09
C ARG A 84 -21.62 13.97 -1.75
N ALA A 85 -20.90 13.44 -2.73
CA ALA A 85 -20.06 12.30 -2.54
C ALA A 85 -19.03 12.57 -1.45
N MET A 86 -18.54 13.81 -1.35
CA MET A 86 -17.51 14.17 -0.42
C MET A 86 -17.99 14.42 1.02
N ARG A 87 -19.30 14.44 1.20
CA ARG A 87 -19.88 14.82 2.46
C ARG A 87 -19.24 14.05 3.63
N PHE A 88 -19.01 12.76 3.40
CA PHE A 88 -18.51 11.92 4.47
C PHE A 88 -17.09 11.48 4.27
N HIS A 89 -16.41 12.08 3.31
CA HIS A 89 -15.02 11.70 3.10
C HIS A 89 -14.04 12.56 3.82
N GLY A 90 -13.07 11.91 4.45
CA GLY A 90 -11.80 12.51 4.73
C GLY A 90 -11.00 12.52 3.45
N ARG A 91 -9.84 13.14 3.49
CA ARG A 91 -9.06 13.23 2.26
C ARG A 91 -8.54 11.86 1.84
N GLY A 92 -8.18 11.06 2.82
CA GLY A 92 -7.67 9.73 2.51
C GLY A 92 -8.70 8.90 1.81
N THR A 93 -9.91 8.88 2.35
CA THR A 93 -10.99 8.13 1.73
C THR A 93 -11.46 8.73 0.42
N ALA A 94 -11.34 10.04 0.25
CA ALA A 94 -11.60 10.65 -1.03
C ALA A 94 -10.61 10.10 -2.07
N TRP A 95 -9.34 10.05 -1.72
CA TRP A 95 -8.39 9.41 -2.58
C TRP A 95 -8.76 7.95 -2.84
N ASN A 96 -9.25 7.26 -1.81
CA ASN A 96 -9.64 5.87 -2.00
C ASN A 96 -10.84 5.78 -2.93
N HIS A 97 -11.75 6.75 -2.87
CA HIS A 97 -12.89 6.81 -3.74
C HIS A 97 -12.45 6.92 -5.18
N ILE A 98 -11.47 7.78 -5.41
CA ILE A 98 -10.91 7.96 -6.73
C ILE A 98 -10.31 6.66 -7.21
N ALA A 99 -9.55 6.02 -6.33
CA ALA A 99 -8.92 4.76 -6.68
C ALA A 99 -9.98 3.72 -7.01
N MET A 100 -11.07 3.73 -6.27
CA MET A 100 -12.16 2.80 -6.51
C MET A 100 -12.81 3.04 -7.86
N ASP A 101 -13.04 4.31 -8.19
CA ASP A 101 -13.57 4.65 -9.49
C ASP A 101 -12.63 4.14 -10.57
N GLN A 102 -11.33 4.33 -10.37
CA GLN A 102 -10.37 3.87 -11.38
C GLN A 102 -10.42 2.38 -11.54
N ALA A 103 -10.53 1.68 -10.42
CA ALA A 103 -10.48 0.23 -10.45
C ALA A 103 -11.72 -0.33 -11.13
N ILE A 104 -12.86 0.27 -10.84
CA ILE A 104 -14.12 -0.12 -11.49
C ILE A 104 -14.03 0.12 -12.99
N ALA A 105 -13.50 1.28 -13.38
CA ALA A 105 -13.35 1.59 -14.78
C ALA A 105 -12.39 0.63 -15.46
N ASP A 106 -11.29 0.35 -14.80
CA ASP A 106 -10.25 -0.53 -15.33
C ASP A 106 -10.82 -1.91 -15.52
N ALA A 107 -11.57 -2.37 -14.52
CA ALA A 107 -12.17 -3.67 -14.60
C ALA A 107 -13.33 -3.72 -15.60
N GLY A 108 -13.91 -2.57 -15.94
CA GLY A 108 -15.00 -2.54 -16.90
C GLY A 108 -16.29 -3.06 -16.31
N LEU A 109 -16.43 -2.93 -15.00
CA LEU A 109 -17.62 -3.46 -14.31
C LEU A 109 -18.86 -2.64 -14.60
N THR A 110 -19.97 -3.32 -14.76
CA THR A 110 -21.26 -2.67 -14.79
C THR A 110 -21.66 -2.32 -13.38
N GLU A 111 -22.70 -1.50 -13.27
CA GLU A 111 -23.20 -1.12 -11.97
C GLU A 111 -23.66 -2.34 -11.21
N GLU A 112 -24.26 -3.28 -11.92
CA GLU A 112 -24.76 -4.47 -11.32
CA GLU A 112 -24.76 -4.51 -11.26
C GLU A 112 -23.60 -5.31 -10.75
N GLU A 113 -22.47 -5.27 -11.43
CA GLU A 113 -21.29 -6.05 -11.01
C GLU A 113 -20.62 -5.43 -9.79
N VAL A 114 -20.81 -4.12 -9.61
CA VAL A 114 -20.28 -3.44 -8.43
C VAL A 114 -21.17 -3.69 -7.24
N SER A 115 -22.48 -3.65 -7.48
CA SER A 115 -23.50 -3.66 -6.41
C SER A 115 -24.35 -4.93 -6.46
N ASN A 116 -23.96 -5.93 -5.69
CA ASN A 116 -24.65 -7.18 -5.64
C ASN A 116 -24.20 -7.95 -4.43
N GLU A 117 -24.98 -8.95 -4.05
CA GLU A 117 -24.71 -9.64 -2.81
C GLU A 117 -23.45 -10.46 -2.83
N ARG A 118 -22.92 -10.74 -4.02
CA ARG A 118 -21.68 -11.51 -4.14
C ARG A 118 -20.46 -10.66 -4.22
N THR A 119 -20.60 -9.36 -4.02
CA THR A 119 -19.50 -8.42 -4.21
C THR A 119 -19.37 -7.58 -2.96
N GLY A 120 -18.16 -7.60 -2.42
CA GLY A 120 -17.86 -6.95 -1.18
C GLY A 120 -16.70 -6.01 -1.22
N ILE A 121 -16.39 -5.49 -0.04
CA ILE A 121 -15.33 -4.50 0.09
C ILE A 121 -14.63 -4.70 1.43
N ILE A 122 -13.31 -4.80 1.37
CA ILE A 122 -12.46 -4.76 2.56
C ILE A 122 -11.44 -3.70 2.27
N MET A 123 -11.56 -2.57 2.94
CA MET A 123 -10.82 -1.38 2.55
C MET A 123 -10.44 -0.73 3.85
N GLY A 124 -9.15 -0.52 4.09
CA GLY A 124 -8.75 -0.04 5.38
C GLY A 124 -7.80 1.10 5.32
N SER A 125 -7.53 1.65 6.47
CA SER A 125 -6.57 2.70 6.62
C SER A 125 -5.85 2.48 7.92
N GLY A 126 -4.61 2.91 8.01
CA GLY A 126 -3.87 2.73 9.21
C GLY A 126 -4.39 3.55 10.35
N GLY A 127 -4.95 4.69 10.00
CA GLY A 127 -5.68 5.53 10.94
C GLY A 127 -6.88 6.09 10.24
N PRO A 128 -7.79 6.70 11.00
CA PRO A 128 -8.86 7.43 10.29
C PRO A 128 -8.38 8.83 9.92
N SER A 129 -9.31 9.72 9.63
CA SER A 129 -8.95 11.09 9.42
C SER A 129 -8.60 11.73 10.74
N THR A 130 -7.32 11.74 11.07
CA THR A 130 -6.87 12.39 12.24
C THR A 130 -7.15 13.87 12.10
N ARG A 131 -7.13 14.42 10.89
CA ARG A 131 -7.44 15.84 10.74
CA ARG A 131 -7.46 15.83 10.70
C ARG A 131 -8.87 16.12 11.16
N THR A 132 -9.80 15.21 10.84
CA THR A 132 -11.18 15.45 11.23
C THR A 132 -11.31 15.46 12.72
N ILE A 133 -10.58 14.54 13.34
CA ILE A 133 -10.62 14.39 14.77
C ILE A 133 -10.10 15.64 15.45
N VAL A 134 -8.96 16.12 14.99
CA VAL A 134 -8.36 17.31 15.57
C VAL A 134 -9.18 18.53 15.27
N ASP A 135 -9.60 18.71 14.03
CA ASP A 135 -10.41 19.88 13.70
C ASP A 135 -11.68 19.90 14.53
N SER A 136 -12.30 18.72 14.74
CA SER A 136 -13.53 18.65 15.51
C SER A 136 -13.28 19.02 16.96
N ALA A 137 -12.17 18.55 17.51
CA ALA A 137 -11.85 18.90 18.90
C ALA A 137 -11.59 20.39 19.01
N ASP A 138 -10.89 20.94 18.04
CA ASP A 138 -10.57 22.36 18.05
C ASP A 138 -11.85 23.17 17.98
N ILE A 139 -12.69 22.85 17.01
CA ILE A 139 -13.88 23.66 16.82
C ILE A 139 -14.83 23.49 17.99
N THR A 140 -14.85 22.32 18.61
CA THR A 140 -15.69 22.13 19.79
C THR A 140 -15.33 23.13 20.86
N ARG A 141 -14.03 23.28 21.06
CA ARG A 141 -13.52 24.15 22.12
C ARG A 141 -13.59 25.63 21.74
N GLU A 142 -13.49 25.95 20.45
CA GLU A 142 -13.50 27.33 19.98
C GLU A 142 -14.93 27.85 19.78
N LYS A 143 -15.78 27.04 19.17
CA LYS A 143 -17.11 27.49 18.73
C LYS A 143 -18.27 26.64 19.20
N GLY A 144 -17.97 25.51 19.83
CA GLY A 144 -18.96 24.65 20.40
C GLY A 144 -19.19 23.39 19.63
N PRO A 145 -19.69 22.36 20.29
CA PRO A 145 -19.82 21.04 19.68
C PRO A 145 -20.69 21.01 18.42
N LYS A 146 -21.74 21.81 18.35
CA LYS A 146 -22.55 21.79 17.16
C LYS A 146 -21.73 22.12 15.92
N ARG A 147 -20.69 22.93 16.08
CA ARG A 147 -19.92 23.44 14.96
CA ARG A 147 -19.92 23.42 14.94
C ARG A 147 -18.94 22.39 14.39
N VAL A 148 -18.89 21.23 15.03
CA VAL A 148 -18.24 20.07 14.46
C VAL A 148 -18.96 19.67 13.19
N GLY A 149 -20.26 19.94 13.14
CA GLY A 149 -21.06 19.53 12.04
C GLY A 149 -21.45 18.07 12.16
N PRO A 150 -22.40 17.64 11.33
CA PRO A 150 -23.00 16.34 11.51
C PRO A 150 -22.38 15.25 10.68
N PHE A 151 -21.27 15.54 10.02
CA PHE A 151 -20.70 14.57 9.06
C PHE A 151 -19.36 14.00 9.46
N ALA A 152 -18.94 14.22 10.70
CA ALA A 152 -17.58 13.85 11.11
C ALA A 152 -17.40 12.39 11.46
N VAL A 153 -18.43 11.69 11.92
CA VAL A 153 -18.23 10.32 12.41
C VAL A 153 -17.62 9.41 11.35
N PRO A 154 -18.21 9.39 10.15
CA PRO A 154 -17.68 8.44 9.17
C PRO A 154 -16.29 8.76 8.68
N LYS A 155 -15.88 10.02 8.83
CA LYS A 155 -14.52 10.38 8.52
C LYS A 155 -13.53 9.98 9.60
N ALA A 156 -13.99 10.02 10.84
CA ALA A 156 -13.15 9.82 12.02
C ALA A 156 -13.05 8.37 12.46
N MET A 157 -13.96 7.53 12.01
CA MET A 157 -14.00 6.17 12.50
C MET A 157 -13.00 5.35 11.72
N SER A 158 -12.51 4.30 12.35
CA SER A 158 -11.49 3.49 11.73
C SER A 158 -11.93 2.78 10.46
N SER A 159 -13.22 2.59 10.34
CA SER A 159 -13.78 1.93 9.17
C SER A 159 -14.12 2.85 8.05
N THR A 160 -13.67 4.09 8.14
CA THR A 160 -14.01 5.12 7.20
C THR A 160 -13.88 4.68 5.75
N ALA A 161 -12.78 4.01 5.41
CA ALA A 161 -12.57 3.64 4.00
C ALA A 161 -13.61 2.65 3.49
N SER A 162 -13.99 1.69 4.31
CA SER A 162 -15.03 0.75 3.89
C SER A 162 -16.42 1.35 3.96
N ALA A 163 -16.69 2.08 5.03
CA ALA A 163 -18.01 2.65 5.23
C ALA A 163 -18.37 3.61 4.11
N THR A 164 -17.45 4.50 3.77
CA THR A 164 -17.73 5.51 2.77
C THR A 164 -17.91 4.86 1.39
N LEU A 165 -17.00 3.98 1.04
CA LEU A 165 -17.05 3.40 -0.29
C LEU A 165 -18.17 2.39 -0.41
N ALA A 166 -18.38 1.61 0.63
CA ALA A 166 -19.48 0.63 0.60
C ALA A 166 -20.80 1.35 0.40
N THR A 167 -20.97 2.48 1.09
CA THR A 167 -22.22 3.22 0.98
C THR A 167 -22.33 3.87 -0.39
N PHE A 168 -21.30 4.56 -0.83
CA PHE A 168 -21.40 5.29 -2.08
C PHE A 168 -21.52 4.37 -3.27
N PHE A 169 -20.78 3.27 -3.26
CA PHE A 169 -20.80 2.31 -4.37
C PHE A 169 -21.85 1.25 -4.24
N LYS A 170 -22.70 1.35 -3.23
CA LYS A 170 -23.84 0.48 -3.06
C LYS A 170 -23.42 -0.96 -2.93
N ILE A 171 -22.36 -1.17 -2.18
CA ILE A 171 -21.84 -2.51 -1.97
C ILE A 171 -22.83 -3.25 -1.09
N LYS A 172 -23.15 -4.48 -1.45
CA LYS A 172 -24.13 -5.26 -0.73
C LYS A 172 -23.58 -6.48 0.00
N GLY A 173 -22.37 -6.89 -0.34
CA GLY A 173 -21.73 -8.04 0.26
C GLY A 173 -20.99 -7.69 1.52
N ILE A 174 -19.79 -8.23 1.65
CA ILE A 174 -18.91 -7.96 2.78
C ILE A 174 -18.58 -6.47 2.83
N ASN A 175 -18.51 -5.91 4.03
CA ASN A 175 -18.17 -4.51 4.21
C ASN A 175 -17.52 -4.32 5.56
N TYR A 176 -16.21 -4.23 5.58
CA TYR A 176 -15.50 -3.83 6.77
C TYR A 176 -14.10 -3.43 6.42
N SER A 177 -13.38 -2.92 7.40
CA SER A 177 -12.00 -2.49 7.23
C SER A 177 -11.12 -3.39 8.06
N ILE A 178 -9.96 -3.74 7.54
CA ILE A 178 -8.92 -4.30 8.36
C ILE A 178 -7.90 -3.22 8.53
N SER A 179 -7.38 -3.07 9.75
CA SER A 179 -6.30 -2.15 10.05
CA SER A 179 -6.23 -2.21 9.94
C SER A 179 -5.18 -2.99 10.63
N SER A 180 -3.96 -2.70 10.25
CA SER A 180 -2.80 -3.38 10.77
C SER A 180 -1.61 -2.52 10.41
N ALA A 181 -1.73 -1.22 10.65
CA ALA A 181 -0.65 -0.28 10.42
C ALA A 181 -0.11 -0.46 9.02
N CYS A 182 1.21 -0.62 8.86
CA CYS A 182 1.81 -0.76 7.55
C CYS A 182 1.27 -1.91 6.73
N ALA A 183 0.75 -2.93 7.40
CA ALA A 183 0.26 -4.09 6.72
C ALA A 183 -1.19 -4.00 6.29
N THR A 184 -1.86 -2.91 6.66
CA THR A 184 -3.31 -2.76 6.51
C THR A 184 -3.83 -3.28 5.19
N SER A 185 -3.39 -2.71 4.09
CA SER A 185 -4.05 -3.08 2.84
C SER A 185 -3.54 -4.40 2.28
N ASN A 186 -2.43 -4.93 2.79
CA ASN A 186 -2.05 -6.31 2.47
C ASN A 186 -3.03 -7.27 3.13
N HIS A 187 -3.35 -7.04 4.38
CA HIS A 187 -4.39 -7.84 5.02
C HIS A 187 -5.75 -7.68 4.40
N CYS A 188 -6.10 -6.46 3.98
CA CYS A 188 -7.36 -6.26 3.32
C CYS A 188 -7.42 -7.10 2.07
N ILE A 189 -6.36 -7.09 1.28
CA ILE A 189 -6.35 -7.87 0.07
C ILE A 189 -6.37 -9.36 0.42
N GLY A 190 -5.56 -9.76 1.38
CA GLY A 190 -5.50 -11.18 1.74
C GLY A 190 -6.80 -11.71 2.27
N ASN A 191 -7.47 -10.97 3.14
CA ASN A 191 -8.76 -11.40 3.63
C ASN A 191 -9.79 -11.45 2.49
N ALA A 192 -9.73 -10.49 1.57
CA ALA A 192 -10.66 -10.48 0.46
C ALA A 192 -10.41 -11.69 -0.44
N TYR A 193 -9.14 -12.00 -0.64
CA TYR A 193 -8.73 -13.20 -1.33
C TYR A 193 -9.33 -14.43 -0.67
N GLU A 194 -9.21 -14.54 0.64
CA GLU A 194 -9.81 -15.65 1.37
C GLU A 194 -11.30 -15.76 1.15
N MET A 195 -11.99 -14.62 1.20
CA MET A 195 -13.45 -14.54 1.00
CA MET A 195 -13.42 -14.68 1.04
C MET A 195 -13.82 -15.20 -0.31
N ILE A 196 -13.04 -14.88 -1.33
CA ILE A 196 -13.36 -15.41 -2.65
C ILE A 196 -12.93 -16.88 -2.76
N GLN A 197 -11.76 -17.21 -2.24
CA GLN A 197 -11.27 -18.59 -2.20
C GLN A 197 -12.31 -19.51 -1.64
N TYR A 198 -12.88 -19.07 -0.53
CA TYR A 198 -13.79 -19.92 0.24
C TYR A 198 -15.21 -19.83 -0.23
N GLY A 199 -15.46 -19.06 -1.28
CA GLY A 199 -16.76 -19.03 -1.93
C GLY A 199 -17.77 -18.12 -1.31
N LYS A 200 -17.34 -17.26 -0.39
CA LYS A 200 -18.25 -16.34 0.29
C LYS A 200 -18.64 -15.13 -0.54
N GLN A 201 -17.72 -14.70 -1.38
CA GLN A 201 -17.92 -13.57 -2.29
C GLN A 201 -17.26 -13.98 -3.60
N ASP A 202 -17.75 -13.44 -4.70
CA ASP A 202 -17.15 -13.68 -6.00
C ASP A 202 -16.34 -12.53 -6.49
N ARG A 203 -16.59 -11.34 -5.95
CA ARG A 203 -15.83 -10.17 -6.32
C ARG A 203 -15.62 -9.37 -5.06
N MET A 204 -14.43 -8.79 -4.94
CA MET A 204 -14.14 -7.94 -3.81
C MET A 204 -13.38 -6.76 -4.29
N PHE A 205 -13.67 -5.62 -3.69
CA PHE A 205 -12.83 -4.46 -3.79
C PHE A 205 -11.98 -4.45 -2.56
N ALA A 206 -10.67 -4.41 -2.74
CA ALA A 206 -9.77 -4.52 -1.60
C ALA A 206 -8.68 -3.50 -1.74
N GLY A 207 -8.25 -2.97 -0.61
CA GLY A 207 -7.18 -2.01 -0.64
C GLY A 207 -7.23 -1.17 0.57
N GLY A 208 -6.88 0.07 0.39
CA GLY A 208 -6.84 0.96 1.52
C GLY A 208 -6.29 2.31 1.16
N CYS A 209 -6.19 3.13 2.19
CA CYS A 209 -5.82 4.51 1.99
C CYS A 209 -5.22 5.08 3.24
N GLU A 210 -4.69 6.26 3.09
CA GLU A 210 -4.27 7.04 4.24
C GLU A 210 -4.27 8.48 3.82
N ASP A 211 -4.82 9.34 4.66
CA ASP A 211 -4.61 10.77 4.49
C ASP A 211 -3.16 11.04 4.81
N LEU A 212 -2.67 12.16 4.31
CA LEU A 212 -1.38 12.71 4.65
C LEU A 212 -1.67 14.01 5.37
N ASP A 213 -1.37 14.05 6.67
CA ASP A 213 -1.71 15.21 7.46
C ASP A 213 -0.77 15.33 8.63
N TRP A 214 -0.45 16.56 9.01
CA TRP A 214 0.47 16.73 10.10
C TRP A 214 0.01 16.08 11.38
N THR A 215 -1.32 15.98 11.55
CA THR A 215 -1.85 15.41 12.78
C THR A 215 -1.58 13.92 12.93
N LEU A 216 -1.27 13.25 11.83
CA LEU A 216 -0.79 11.87 11.88
C LEU A 216 0.72 11.85 11.83
N SER A 217 1.30 12.62 10.92
CA SER A 217 2.73 12.58 10.73
C SER A 217 3.46 12.97 11.99
N VAL A 218 2.90 13.90 12.76
CA VAL A 218 3.62 14.33 13.98
C VAL A 218 3.83 13.18 14.95
N LEU A 219 2.94 12.21 14.95
CA LEU A 219 3.07 11.10 15.88
C LEU A 219 4.32 10.30 15.56
N PHE A 220 4.61 10.18 14.27
CA PHE A 220 5.82 9.50 13.84
C PHE A 220 7.03 10.36 14.03
N ASP A 221 6.92 11.66 13.77
CA ASP A 221 8.08 12.52 13.99
C ASP A 221 8.52 12.50 15.45
N ALA A 222 7.53 12.50 16.34
CA ALA A 222 7.82 12.54 17.74
C ALA A 222 8.51 11.28 18.21
N MET A 223 8.31 10.20 17.49
CA MET A 223 8.99 8.98 17.85
C MET A 223 10.32 8.86 17.14
N GLY A 224 10.67 9.86 16.32
CA GLY A 224 11.94 9.89 15.60
C GLY A 224 12.00 8.89 14.47
N ALA A 225 10.85 8.49 13.96
CA ALA A 225 10.76 7.40 13.00
C ALA A 225 10.98 7.84 11.59
N MET A 226 10.83 9.15 11.32
CA MET A 226 10.89 9.64 9.95
C MET A 226 12.21 10.32 9.67
N SER A 227 12.59 10.24 8.41
CA SER A 227 13.83 10.80 7.92
C SER A 227 13.90 12.28 8.16
N SER A 228 15.04 12.74 8.65
CA SER A 228 15.29 14.17 8.81
C SER A 228 16.62 14.63 8.24
N LYS A 229 17.55 13.72 7.98
CA LYS A 229 18.88 14.10 7.51
C LYS A 229 18.91 14.59 6.08
N TYR A 230 17.82 14.36 5.36
CA TYR A 230 17.75 14.66 3.94
C TYR A 230 16.75 15.76 3.66
N ASN A 231 16.42 16.58 4.65
CA ASN A 231 15.42 17.62 4.39
C ASN A 231 15.84 18.55 3.28
N ASP A 232 17.15 18.74 3.11
CA ASP A 232 17.66 19.62 2.08
CA ASP A 232 17.69 19.61 2.10
C ASP A 232 17.68 18.98 0.71
N THR A 233 17.53 17.66 0.66
CA THR A 233 17.39 16.94 -0.61
C THR A 233 16.18 16.01 -0.50
N PRO A 234 14.97 16.60 -0.42
CA PRO A 234 13.82 15.79 -0.05
C PRO A 234 13.60 14.61 -0.96
N SER A 235 13.86 14.76 -2.24
CA SER A 235 13.53 13.71 -3.19
C SER A 235 14.25 12.42 -2.87
N THR A 236 15.39 12.48 -2.19
CA THR A 236 16.18 11.28 -1.94
C THR A 236 16.14 10.84 -0.48
N ALA A 237 15.21 11.39 0.30
CA ALA A 237 15.14 11.11 1.72
C ALA A 237 14.80 9.66 2.04
N SER A 238 14.00 9.04 1.19
CA SER A 238 13.63 7.66 1.35
C SER A 238 14.59 6.85 0.53
N ARG A 239 15.29 5.96 1.21
CA ARG A 239 16.49 5.35 0.61
C ARG A 239 16.74 4.00 1.25
N ALA A 240 15.76 3.12 1.09
CA ALA A 240 15.86 1.79 1.63
C ALA A 240 17.18 1.17 1.21
N TYR A 241 17.81 0.52 2.19
CA TYR A 241 19.10 -0.17 2.01
C TYR A 241 20.30 0.75 1.91
N ASP A 242 20.11 2.06 1.84
CA ASP A 242 21.26 2.93 1.88
C ASP A 242 21.89 2.87 3.28
N LYS A 243 23.21 2.96 3.35
CA LYS A 243 23.92 2.90 4.60
C LYS A 243 23.47 4.01 5.55
N ASN A 244 23.08 5.14 4.97
CA ASN A 244 22.76 6.31 5.73
C ASN A 244 21.27 6.61 5.82
N ARG A 245 20.43 5.63 5.47
CA ARG A 245 19.01 5.74 5.75
C ARG A 245 18.76 6.16 7.19
N ASP A 246 17.71 6.95 7.41
CA ASP A 246 17.52 7.50 8.74
C ASP A 246 16.07 7.64 9.10
N GLY A 247 15.25 6.81 8.52
CA GLY A 247 13.85 6.76 8.87
C GLY A 247 13.01 6.83 7.63
N PHE A 248 11.75 6.50 7.81
CA PHE A 248 10.85 6.45 6.69
C PHE A 248 10.36 7.83 6.30
N VAL A 249 9.78 7.91 5.12
CA VAL A 249 9.16 9.12 4.67
C VAL A 249 7.68 8.81 4.53
N ILE A 250 6.86 9.58 5.23
CA ILE A 250 5.44 9.31 5.25
C ILE A 250 4.78 9.84 3.99
N ALA A 251 3.74 9.16 3.58
CA ALA A 251 3.00 9.51 2.39
C ALA A 251 1.54 9.29 2.63
N GLY A 252 0.74 9.81 1.71
CA GLY A 252 -0.67 9.50 1.69
C GLY A 252 -1.05 8.97 0.34
N GLY A 253 -2.23 8.37 0.27
CA GLY A 253 -2.78 7.97 -0.99
C GLY A 253 -3.76 6.83 -0.81
N ALA A 254 -3.95 6.05 -1.86
CA ALA A 254 -4.91 4.97 -1.81
C ALA A 254 -4.64 4.03 -2.94
N GLY A 255 -5.17 2.84 -2.80
CA GLY A 255 -5.17 1.88 -3.88
C GLY A 255 -6.32 0.92 -3.72
N VAL A 256 -6.80 0.42 -4.85
CA VAL A 256 -7.86 -0.56 -4.89
C VAL A 256 -7.52 -1.60 -5.91
N LEU A 257 -7.71 -2.85 -5.53
CA LEU A 257 -7.77 -3.96 -6.48
C LEU A 257 -9.18 -4.47 -6.55
N VAL A 258 -9.59 -4.85 -7.75
CA VAL A 258 -10.77 -5.63 -7.94
C VAL A 258 -10.32 -7.07 -8.01
N LEU A 259 -10.84 -7.89 -7.12
CA LEU A 259 -10.54 -9.31 -7.07
C LEU A 259 -11.79 -10.08 -7.46
N GLU A 260 -11.61 -11.16 -8.22
CA GLU A 260 -12.71 -11.97 -8.66
C GLU A 260 -12.30 -13.42 -8.63
N ASP A 261 -13.23 -14.31 -8.40
CA ASP A 261 -12.92 -15.70 -8.60
C ASP A 261 -12.64 -15.89 -10.08
N LEU A 262 -11.80 -16.85 -10.39
CA LEU A 262 -11.34 -16.99 -11.75
C LEU A 262 -12.46 -17.21 -12.74
N GLU A 263 -13.41 -18.09 -12.43
CA GLU A 263 -14.50 -18.34 -13.38
C GLU A 263 -15.29 -17.06 -13.65
N THR A 264 -15.55 -16.30 -12.60
CA THR A 264 -16.26 -15.04 -12.77
C THR A 264 -15.51 -14.11 -13.71
N ALA A 265 -14.21 -14.00 -13.49
CA ALA A 265 -13.37 -13.17 -14.33
C ALA A 265 -13.39 -13.67 -15.76
N LEU A 266 -13.16 -14.95 -15.94
CA LEU A 266 -13.09 -15.50 -17.31
C LEU A 266 -14.39 -15.30 -18.03
N ALA A 267 -15.49 -15.55 -17.34
CA ALA A 267 -16.79 -15.52 -17.96
C ALA A 267 -17.19 -14.18 -18.49
N ARG A 268 -16.68 -13.12 -17.88
CA ARG A 268 -17.03 -11.79 -18.32
C ARG A 268 -15.94 -11.15 -19.17
N GLY A 269 -14.94 -11.95 -19.57
CA GLY A 269 -13.82 -11.43 -20.37
C GLY A 269 -13.02 -10.36 -19.65
N ALA A 270 -12.84 -10.58 -18.36
CA ALA A 270 -12.04 -9.66 -17.57
C ALA A 270 -10.61 -9.59 -18.01
N LYS A 271 -10.02 -8.43 -17.73
CA LYS A 271 -8.59 -8.31 -17.72
C LYS A 271 -8.10 -9.06 -16.53
N ILE A 272 -6.98 -9.74 -16.66
CA ILE A 272 -6.38 -10.39 -15.51
C ILE A 272 -4.97 -9.86 -15.34
N TYR A 273 -4.80 -9.05 -14.31
CA TYR A 273 -3.50 -8.48 -14.00
C TYR A 273 -2.60 -9.44 -13.29
N GLY A 274 -3.19 -10.42 -12.63
CA GLY A 274 -2.44 -11.44 -11.95
C GLY A 274 -3.39 -12.27 -11.16
N GLU A 275 -2.86 -13.36 -10.67
CA GLU A 275 -3.58 -14.26 -9.79
C GLU A 275 -2.97 -14.18 -8.42
N ILE A 276 -3.78 -14.05 -7.38
CA ILE A 276 -3.26 -14.12 -6.03
C ILE A 276 -3.05 -15.59 -5.74
N VAL A 277 -1.80 -15.94 -5.43
CA VAL A 277 -1.46 -17.33 -5.23
C VAL A 277 -0.89 -17.63 -3.85
N GLY A 278 -0.63 -16.60 -3.06
CA GLY A 278 -0.28 -16.81 -1.68
C GLY A 278 -0.53 -15.62 -0.81
N TYR A 279 -0.78 -15.90 0.46
CA TYR A 279 -1.06 -14.90 1.43
C TYR A 279 -0.56 -15.43 2.75
N GLY A 280 0.32 -14.65 3.37
CA GLY A 280 0.80 -14.95 4.70
C GLY A 280 0.40 -13.86 5.64
N ALA A 281 0.11 -14.25 6.88
CA ALA A 281 -0.22 -13.29 7.93
C ALA A 281 0.24 -13.88 9.21
N THR A 282 1.15 -13.17 9.87
CA THR A 282 1.63 -13.62 11.15
C THR A 282 1.83 -12.45 12.08
N SER A 283 2.33 -12.77 13.27
CA SER A 283 2.52 -11.81 14.32
C SER A 283 3.85 -12.04 14.97
N ASP A 284 4.59 -10.97 15.22
CA ASP A 284 5.89 -11.11 15.90
C ASP A 284 5.73 -11.40 17.36
N GLY A 285 4.77 -10.76 18.02
CA GLY A 285 4.62 -10.86 19.46
C GLY A 285 5.91 -10.49 20.18
N TYR A 286 6.51 -9.39 19.75
CA TYR A 286 7.84 -9.05 20.20
C TYR A 286 7.93 -7.58 20.57
N ASP A 287 8.09 -6.72 19.58
CA ASP A 287 8.26 -5.31 19.86
C ASP A 287 7.21 -4.49 19.10
N MET A 288 6.79 -3.42 19.73
CA MET A 288 5.76 -2.58 19.15
C MET A 288 6.19 -1.87 17.90
N VAL A 289 7.46 -1.52 17.80
CA VAL A 289 7.89 -0.65 16.72
C VAL A 289 8.91 -1.32 15.83
N ALA A 290 9.61 -2.31 16.35
CA ALA A 290 10.71 -2.94 15.63
C ALA A 290 10.23 -4.35 15.26
N PRO A 291 10.65 -4.84 14.09
CA PRO A 291 10.34 -6.21 13.71
C PRO A 291 11.23 -7.20 14.40
N SER A 292 10.74 -8.42 14.59
CA SER A 292 11.57 -9.47 15.15
C SER A 292 12.41 -10.16 14.08
N GLY A 293 11.92 -10.19 12.85
CA GLY A 293 12.55 -10.97 11.81
C GLY A 293 11.94 -12.34 11.67
N GLU A 294 11.86 -13.10 12.76
CA GLU A 294 11.33 -14.46 12.64
C GLU A 294 9.86 -14.44 12.21
N GLY A 295 9.10 -13.42 12.61
CA GLY A 295 7.70 -13.33 12.22
C GLY A 295 7.60 -13.19 10.72
N ALA A 296 8.49 -12.39 10.16
CA ALA A 296 8.51 -12.16 8.72
C ALA A 296 8.86 -13.43 7.96
N ILE A 297 9.77 -14.23 8.51
CA ILE A 297 10.11 -15.49 7.88
C ILE A 297 8.87 -16.36 7.84
N ARG A 298 8.17 -16.45 8.96
CA ARG A 298 7.00 -17.29 8.99
C ARG A 298 5.93 -16.78 8.05
N CYS A 299 5.83 -15.45 7.93
CA CYS A 299 4.85 -14.82 7.04
C CYS A 299 5.15 -15.14 5.60
N MET A 300 6.39 -14.96 5.22
CA MET A 300 6.76 -15.24 3.84
C MET A 300 6.60 -16.73 3.56
N LYS A 301 6.98 -17.59 4.50
CA LYS A 301 6.84 -19.01 4.27
C LYS A 301 5.37 -19.38 4.07
N MET A 302 4.51 -18.74 4.84
CA MET A 302 3.11 -19.02 4.75
C MET A 302 2.60 -18.62 3.39
N ALA A 303 3.03 -17.45 2.92
CA ALA A 303 2.61 -16.97 1.62
C ALA A 303 3.10 -17.90 0.53
N LEU A 304 4.33 -18.37 0.68
CA LEU A 304 4.98 -19.20 -0.32
C LEU A 304 4.51 -20.64 -0.30
N SER A 305 3.82 -21.04 0.75
CA SER A 305 3.46 -22.45 0.95
C SER A 305 2.50 -22.95 -0.13
N THR A 306 1.83 -22.02 -0.80
CA THR A 306 0.84 -22.31 -1.82
C THR A 306 1.33 -21.87 -3.19
N VAL A 307 2.62 -21.54 -3.29
CA VAL A 307 3.19 -21.03 -4.53
C VAL A 307 4.12 -22.07 -5.12
N THR A 308 3.93 -22.38 -6.39
CA THR A 308 4.72 -23.43 -6.99
C THR A 308 5.89 -22.89 -7.81
N SER A 309 5.78 -21.67 -8.31
CA SER A 309 6.83 -21.08 -9.13
C SER A 309 7.81 -20.28 -8.31
N LYS A 310 8.96 -20.04 -8.89
CA LYS A 310 9.93 -19.22 -8.22
C LYS A 310 9.46 -17.79 -8.16
N ILE A 311 10.02 -17.05 -7.23
CA ILE A 311 9.70 -15.68 -7.09
C ILE A 311 10.64 -14.90 -7.98
N ASP A 312 10.10 -14.01 -8.81
CA ASP A 312 10.91 -13.25 -9.74
C ASP A 312 11.24 -11.85 -9.28
N TYR A 313 10.55 -11.40 -8.24
CA TYR A 313 10.76 -10.05 -7.72
C TYR A 313 10.12 -9.98 -6.34
N ILE A 314 10.87 -9.39 -5.43
CA ILE A 314 10.38 -9.10 -4.08
C ILE A 314 10.22 -7.61 -3.93
N ASN A 315 8.99 -7.22 -3.61
CA ASN A 315 8.72 -5.87 -3.17
C ASN A 315 8.71 -5.87 -1.66
N PRO A 316 9.78 -5.42 -1.05
CA PRO A 316 9.93 -5.61 0.37
C PRO A 316 9.07 -4.62 1.14
N HIS A 317 9.01 -4.80 2.45
CA HIS A 317 8.43 -3.81 3.32
C HIS A 317 9.33 -2.58 3.36
N ALA A 318 10.66 -2.82 3.37
CA ALA A 318 11.70 -1.85 3.60
C ALA A 318 11.29 -0.39 3.52
N THR A 319 11.22 0.24 4.68
CA THR A 319 10.72 1.60 4.76
C THR A 319 11.83 2.63 4.87
N SER A 320 13.08 2.22 4.79
CA SER A 320 14.24 3.12 4.87
C SER A 320 14.62 3.42 6.30
N THR A 321 14.51 2.42 7.17
CA THR A 321 14.84 2.60 8.56
C THR A 321 16.01 1.73 8.94
N PRO A 322 16.85 2.26 9.85
CA PRO A 322 17.95 1.45 10.33
C PRO A 322 17.51 0.09 10.87
N ALA A 323 16.50 0.10 11.72
CA ALA A 323 16.07 -1.09 12.45
C ALA A 323 15.15 -2.01 11.66
N GLY A 324 14.57 -1.48 10.60
CA GLY A 324 13.58 -2.21 9.86
C GLY A 324 14.10 -2.89 8.63
N ASP A 325 14.97 -2.23 7.86
CA ASP A 325 15.32 -2.79 6.59
C ASP A 325 16.08 -4.10 6.75
N ALA A 326 16.94 -4.15 7.76
CA ALA A 326 17.84 -5.28 7.90
C ALA A 326 17.20 -6.59 8.31
N PRO A 327 16.32 -6.59 9.34
CA PRO A 327 15.74 -7.88 9.70
C PRO A 327 14.93 -8.51 8.59
N GLU A 328 14.29 -7.69 7.78
CA GLU A 328 13.59 -8.24 6.62
C GLU A 328 14.58 -8.86 5.62
N ILE A 329 15.70 -8.19 5.40
CA ILE A 329 16.70 -8.76 4.49
C ILE A 329 17.20 -10.08 5.02
N GLU A 330 17.41 -10.16 6.33
CA GLU A 330 17.85 -11.42 6.92
C GLU A 330 16.78 -12.47 6.76
N ALA A 331 15.51 -12.09 6.90
CA ALA A 331 14.41 -13.04 6.69
C ALA A 331 14.41 -13.53 5.25
N ILE A 332 14.62 -12.60 4.32
CA ILE A 332 14.69 -12.95 2.92
C ILE A 332 15.85 -13.89 2.65
N ARG A 333 17.00 -13.58 3.23
CA ARG A 333 18.20 -14.44 3.11
C ARG A 333 17.88 -15.84 3.58
N GLN A 334 17.16 -15.95 4.69
CA GLN A 334 16.83 -17.26 5.28
CA GLN A 334 16.90 -17.27 5.25
C GLN A 334 15.97 -18.11 4.38
N ILE A 335 15.04 -17.46 3.69
CA ILE A 335 14.13 -18.16 2.78
C ILE A 335 14.74 -18.37 1.42
N PHE A 336 15.33 -17.31 0.86
CA PHE A 336 15.74 -17.28 -0.52
C PHE A 336 17.24 -17.41 -0.76
N GLY A 337 18.03 -17.25 0.29
CA GLY A 337 19.47 -17.20 0.12
C GLY A 337 19.93 -15.82 -0.29
N ALA A 338 21.18 -15.73 -0.72
CA ALA A 338 21.78 -14.49 -1.10
C ALA A 338 22.22 -14.53 -2.53
N GLY A 339 22.62 -13.39 -3.05
CA GLY A 339 23.16 -13.31 -4.39
C GLY A 339 22.16 -13.66 -5.46
N ASP A 340 22.68 -14.20 -6.55
CA ASP A 340 21.88 -14.44 -7.75
C ASP A 340 20.67 -15.32 -7.58
N VAL A 341 20.72 -16.25 -6.63
CA VAL A 341 19.63 -17.20 -6.46
CA VAL A 341 19.62 -17.19 -6.48
C VAL A 341 18.47 -16.54 -5.74
N CYS A 342 18.75 -15.46 -5.02
CA CYS A 342 17.70 -14.70 -4.38
C CYS A 342 16.98 -13.85 -5.42
N PRO A 343 15.65 -13.75 -5.34
CA PRO A 343 14.97 -12.85 -6.26
C PRO A 343 15.44 -11.42 -6.12
N PRO A 344 15.42 -10.67 -7.22
CA PRO A 344 15.73 -9.24 -7.14
C PRO A 344 14.79 -8.55 -6.18
N ILE A 345 15.34 -7.61 -5.44
CA ILE A 345 14.63 -6.88 -4.42
C ILE A 345 14.70 -5.42 -4.78
N ALA A 346 13.56 -4.76 -4.85
CA ALA A 346 13.55 -3.33 -5.11
C ALA A 346 12.50 -2.68 -4.25
N ALA A 347 12.98 -1.82 -3.37
CA ALA A 347 12.16 -1.11 -2.41
C ALA A 347 11.52 0.10 -3.06
N THR A 348 10.23 -0.02 -3.37
CA THR A 348 9.51 1.05 -4.01
C THR A 348 9.28 2.22 -3.07
N LYS A 349 9.38 2.01 -1.77
CA LYS A 349 9.18 3.13 -0.84
C LYS A 349 10.27 4.17 -0.97
N SER A 350 11.40 3.84 -1.56
CA SER A 350 12.41 4.85 -1.79
C SER A 350 11.90 5.90 -2.74
N LEU A 351 10.99 5.52 -3.63
CA LEU A 351 10.35 6.49 -4.47
C LEU A 351 9.08 7.06 -3.86
N THR A 352 8.32 6.22 -3.14
CA THR A 352 6.95 6.56 -2.85
C THR A 352 6.73 7.07 -1.43
N GLY A 353 7.68 6.79 -0.57
CA GLY A 353 7.44 6.90 0.85
C GLY A 353 6.50 5.82 1.28
N HIS A 354 6.08 5.95 2.52
CA HIS A 354 5.32 4.94 3.20
C HIS A 354 3.94 5.52 3.48
N SER A 355 2.93 5.05 2.75
CA SER A 355 1.59 5.55 2.89
C SER A 355 0.74 4.70 3.81
N LEU A 356 1.38 3.94 4.70
CA LEU A 356 0.74 3.32 5.84
C LEU A 356 -0.42 2.45 5.37
N GLY A 357 -1.66 2.85 5.58
CA GLY A 357 -2.81 2.06 5.13
C GLY A 357 -2.81 1.74 3.65
N ALA A 358 -2.30 2.64 2.84
CA ALA A 358 -2.30 2.43 1.41
C ALA A 358 -1.13 1.62 0.90
N THR A 359 -0.12 1.42 1.71
CA THR A 359 1.14 0.87 1.20
C THR A 359 0.97 -0.50 0.55
N GLY A 360 0.28 -1.38 1.24
CA GLY A 360 0.19 -2.76 0.76
C GLY A 360 -0.43 -2.85 -0.63
N VAL A 361 -1.59 -2.23 -0.79
CA VAL A 361 -2.24 -2.27 -2.08
C VAL A 361 -1.44 -1.53 -3.12
N GLN A 362 -0.88 -0.39 -2.75
CA GLN A 362 -0.07 0.34 -3.72
C GLN A 362 1.09 -0.50 -4.21
N GLU A 363 1.74 -1.20 -3.30
CA GLU A 363 2.85 -2.05 -3.66
C GLU A 363 2.44 -3.26 -4.47
N ALA A 364 1.26 -3.78 -4.20
CA ALA A 364 0.68 -4.80 -5.07
C ALA A 364 0.53 -4.24 -6.48
N ILE A 365 0.02 -3.03 -6.59
CA ILE A 365 -0.21 -2.40 -7.89
C ILE A 365 1.13 -2.13 -8.57
N TYR A 366 2.09 -1.58 -7.84
CA TYR A 366 3.41 -1.36 -8.46
C TYR A 366 3.99 -2.67 -8.97
N SER A 367 3.87 -3.73 -8.17
CA SER A 367 4.40 -5.01 -8.57
C SER A 367 3.67 -5.57 -9.79
N LEU A 368 2.35 -5.43 -9.83
CA LEU A 368 1.56 -5.92 -10.94
C LEU A 368 1.87 -5.08 -12.17
N LEU A 369 2.15 -3.79 -11.99
CA LEU A 369 2.48 -2.94 -13.13
C LEU A 369 3.86 -3.27 -13.65
N MET A 370 4.78 -3.58 -12.77
CA MET A 370 6.11 -4.04 -13.19
C MET A 370 5.99 -5.35 -13.94
N MET A 371 5.19 -6.26 -13.43
CA MET A 371 4.89 -7.51 -14.12
CA MET A 371 4.94 -7.50 -14.14
C MET A 371 4.32 -7.23 -15.51
N GLN A 372 3.34 -6.36 -15.58
CA GLN A 372 2.70 -6.05 -16.86
C GLN A 372 3.71 -5.49 -17.87
N ASN A 373 4.66 -4.70 -17.37
CA ASN A 373 5.54 -3.93 -18.24
C ASN A 373 6.94 -4.50 -18.35
N ASN A 374 7.16 -5.68 -17.78
CA ASN A 374 8.42 -6.38 -17.94
C ASN A 374 9.67 -5.62 -17.47
N PHE A 375 9.57 -4.95 -16.33
CA PHE A 375 10.74 -4.35 -15.76
C PHE A 375 10.65 -4.38 -14.26
N ILE A 376 11.82 -4.32 -13.63
CA ILE A 376 11.91 -4.15 -12.20
C ILE A 376 12.55 -2.80 -11.96
N CYS A 377 11.89 -1.96 -11.19
CA CYS A 377 12.41 -0.64 -10.94
C CYS A 377 13.68 -0.69 -10.10
N GLU A 378 14.49 0.34 -10.26
CA GLU A 378 15.57 0.60 -9.34
C GLU A 378 15.06 0.68 -7.91
N SER A 379 15.89 0.19 -6.99
CA SER A 379 15.66 0.43 -5.58
C SER A 379 16.36 1.76 -5.38
N ALA A 380 15.58 2.82 -5.37
CA ALA A 380 16.10 4.16 -5.56
C ALA A 380 16.88 4.70 -4.37
N HIS A 381 17.69 5.71 -4.69
CA HIS A 381 18.39 6.52 -3.72
C HIS A 381 19.40 5.79 -2.89
N ILE A 382 19.93 4.70 -3.42
CA ILE A 382 21.04 4.03 -2.78
C ILE A 382 22.32 4.67 -3.25
N GLU A 383 22.77 5.63 -2.46
CA GLU A 383 23.99 6.36 -2.75
C GLU A 383 25.17 5.58 -2.26
N GLU A 384 25.02 4.91 -1.12
CA GLU A 384 26.01 3.99 -0.61
C GLU A 384 25.26 2.82 0.00
N LEU A 385 25.32 1.66 -0.63
CA LEU A 385 24.64 0.51 -0.10
C LEU A 385 25.17 0.20 1.29
N ASP A 386 24.27 -0.10 2.20
CA ASP A 386 24.68 -0.61 3.49
C ASP A 386 25.45 -1.91 3.26
N PRO A 387 26.71 -2.00 3.74
CA PRO A 387 27.48 -3.22 3.51
C PRO A 387 26.85 -4.49 4.04
N ALA A 388 25.92 -4.38 4.99
CA ALA A 388 25.23 -5.54 5.53
C ALA A 388 24.41 -6.21 4.45
N PHE A 389 24.13 -5.48 3.36
CA PHE A 389 23.28 -5.99 2.32
C PHE A 389 24.02 -6.23 1.03
N ALA A 390 25.35 -6.18 1.07
CA ALA A 390 26.15 -6.26 -0.15
C ALA A 390 26.01 -7.61 -0.86
N ASP A 391 25.55 -8.63 -0.14
CA ASP A 391 25.37 -9.96 -0.71
C ASP A 391 24.01 -10.15 -1.37
N MET A 392 23.14 -9.15 -1.34
CA MET A 392 21.76 -9.33 -1.76
C MET A 392 21.49 -8.65 -3.10
N PRO A 393 20.58 -9.21 -3.90
CA PRO A 393 20.29 -8.66 -5.21
C PRO A 393 19.31 -7.47 -5.17
N ILE A 394 19.72 -6.45 -4.45
CA ILE A 394 19.01 -5.20 -4.39
C ILE A 394 19.27 -4.50 -5.71
N VAL A 395 18.17 -4.12 -6.36
CA VAL A 395 18.24 -3.65 -7.72
C VAL A 395 18.82 -2.23 -7.73
N ARG A 396 20.00 -2.06 -8.36
CA ARG A 396 20.68 -0.77 -8.33
C ARG A 396 20.38 0.07 -9.56
N LYS A 397 19.87 -0.58 -10.60
CA LYS A 397 19.51 0.05 -11.86
C LYS A 397 18.34 -0.72 -12.39
N ARG A 398 17.36 -0.02 -12.97
CA ARG A 398 16.20 -0.68 -13.54
C ARG A 398 16.61 -1.86 -14.41
N ILE A 399 15.91 -2.97 -14.23
CA ILE A 399 16.11 -4.16 -15.01
C ILE A 399 15.03 -4.22 -16.05
N ASP A 400 15.41 -4.21 -17.32
CA ASP A 400 14.45 -4.29 -18.40
C ASP A 400 14.38 -5.67 -19.00
N ASN A 401 13.34 -5.87 -19.79
CA ASN A 401 13.16 -7.11 -20.55
CA ASN A 401 13.15 -7.12 -20.55
C ASN A 401 13.21 -8.34 -19.66
N VAL A 402 12.54 -8.23 -18.52
CA VAL A 402 12.47 -9.33 -17.59
C VAL A 402 11.03 -9.84 -17.59
N GLN A 403 10.89 -11.14 -17.66
CA GLN A 403 9.58 -11.77 -17.64
C GLN A 403 9.36 -12.06 -16.17
N LEU A 404 8.52 -11.26 -15.55
CA LEU A 404 8.12 -11.50 -14.17
C LEU A 404 6.89 -12.34 -14.25
N ASN A 405 6.91 -13.49 -13.60
CA ASN A 405 5.73 -14.33 -13.53
C ASN A 405 5.19 -14.41 -12.15
N THR A 406 6.02 -14.20 -11.14
CA THR A 406 5.56 -14.34 -9.78
C THR A 406 6.28 -13.31 -8.95
N VAL A 407 5.49 -12.56 -8.19
CA VAL A 407 6.02 -11.45 -7.41
C VAL A 407 5.52 -11.54 -5.98
N LEU A 408 6.38 -11.23 -5.04
CA LEU A 408 6.07 -11.29 -3.63
C LEU A 408 6.19 -9.90 -3.04
N SER A 409 5.22 -9.54 -2.20
CA SER A 409 5.24 -8.24 -1.57
C SER A 409 4.97 -8.40 -0.09
N ASN A 410 5.89 -7.88 0.72
CA ASN A 410 5.75 -7.82 2.17
C ASN A 410 5.29 -6.48 2.69
N SER A 411 4.55 -6.50 3.79
CA SER A 411 4.29 -5.34 4.62
C SER A 411 4.33 -5.82 6.03
N PHE A 412 5.17 -5.20 6.85
CA PHE A 412 5.42 -5.64 8.22
C PHE A 412 5.24 -4.44 9.11
N GLY A 413 4.08 -4.35 9.78
CA GLY A 413 3.62 -3.16 10.44
C GLY A 413 3.90 -3.08 11.92
N PHE A 414 3.76 -1.89 12.47
CA PHE A 414 3.88 -1.67 13.89
CA PHE A 414 3.85 -1.67 13.90
C PHE A 414 2.94 -2.64 14.61
N GLY A 415 3.33 -3.09 15.79
CA GLY A 415 2.57 -4.08 16.50
C GLY A 415 2.89 -5.48 16.05
N GLY A 416 3.99 -5.61 15.32
CA GLY A 416 4.48 -6.90 14.89
C GLY A 416 3.51 -7.61 13.99
N THR A 417 2.85 -6.86 13.13
CA THR A 417 1.86 -7.44 12.26
C THR A 417 2.43 -7.61 10.86
N ASN A 418 2.36 -8.83 10.36
CA ASN A 418 3.01 -9.19 9.12
C ASN A 418 2.02 -9.69 8.10
N ALA A 419 2.17 -9.23 6.87
CA ALA A 419 1.36 -9.72 5.77
C ALA A 419 2.23 -9.77 4.55
N THR A 420 2.12 -10.88 3.83
CA THR A 420 2.80 -11.07 2.59
C THR A 420 1.81 -11.56 1.56
N LEU A 421 1.91 -11.02 0.36
CA LEU A 421 1.10 -11.46 -0.76
C LEU A 421 1.99 -11.90 -1.90
N VAL A 422 1.54 -12.92 -2.60
CA VAL A 422 2.22 -13.36 -3.81
C VAL A 422 1.22 -13.36 -4.95
N PHE A 423 1.62 -12.71 -6.05
CA PHE A 423 0.82 -12.60 -7.26
C PHE A 423 1.56 -13.28 -8.39
N GLN A 424 0.79 -13.87 -9.27
CA GLN A 424 1.35 -14.62 -10.38
C GLN A 424 0.70 -14.19 -11.66
N ARG A 425 1.49 -14.15 -12.72
CA ARG A 425 0.97 -13.93 -14.05
C ARG A 425 0.05 -15.08 -14.38
N TYR A 426 -1.15 -14.78 -14.83
CA TYR A 426 -2.10 -15.77 -15.15
C TYR A 426 -1.82 -16.30 -16.55
N GLN A 427 -1.52 -17.60 -16.61
CA GLN A 427 -1.28 -18.29 -17.88
C GLN A 427 -2.14 -19.56 -17.97
N GLY A 428 -3.31 -19.55 -17.32
CA GLY A 428 -4.16 -20.75 -17.25
C GLY A 428 -4.20 -21.40 -15.87
NA NA B . 6.00 -4.63 -0.23
#